data_8CYM
#
_entry.id   8CYM
#
_cell.length_a   173.130
_cell.length_b   173.130
_cell.length_c   87.833
_cell.angle_alpha   90.000
_cell.angle_beta   90.000
_cell.angle_gamma   120.000
#
_symmetry.space_group_name_H-M   'P 63'
#
loop_
_entity.id
_entity.type
_entity.pdbx_description
1 polymer "DNA (5'-D(*AP*CP*GP*CP*AP*GP*CP*CP*TP*GP*TP*AP*CP*GP*GP*AP*CP*AP*TP*C)-3')"
2 polymer "DNA (5'-D(P*CP*CP*GP*TP*AP*CP*A)-3')"
3 polymer "DNA (5'-D(P*GP*GP*CP*TP*GP*C)-3')"
4 polymer "DNA (5'-D(*TP*CP*TP*GP*AP*TP*GP*T)-3')"
5 polymer "DNA (5'-D(*GP*AP*TP*GP*CP*GP*AP*GP*T)-3')"
6 polymer "DNA (5'-D(*GP*TP*AP*CP*TP*CP*GP*CP*A)-3')"
#
loop_
_entity_poly.entity_id
_entity_poly.type
_entity_poly.pdbx_seq_one_letter_code
_entity_poly.pdbx_strand_id
1 'polydeoxyribonucleotide'
;(DA)(DC)(DG)(DC)(DA)(DG)(DC)(DC)(DT)(DG)(DT)(DA)(DC)(DG)(DG)(DA)(DC)(DA)(DT)(DC)
(DA)
;
A
2 'polydeoxyribonucleotide' (DC)(DC)(DG)(DT)(DA)(DC)(DA) B
3 'polydeoxyribonucleotide' (DG)(DG)(DC)(DT)(DG)(DC) C
4 'polydeoxyribonucleotide' (DT)(DC)(DT)(DG)(DA)(DT)(DG)(DT) D
5 'polydeoxyribonucleotide' (DG)(DA)(DT)(DG)(DC)(DG)(DA)(DG)(DT) I
6 'polydeoxyribonucleotide' (DG)(DT)(DA)(DC)(DT)(DC)(DG)(DC)(DA) J
#